data_3P8O
#
_entry.id   3P8O
#
_cell.length_a   94.965
_cell.length_b   94.965
_cell.length_c   81.800
_cell.angle_alpha   90.000
_cell.angle_beta   90.000
_cell.angle_gamma   120.000
#
_symmetry.space_group_name_H-M   'P 61'
#
loop_
_entity.id
_entity.type
_entity.pdbx_description
1 polymer 'HCV serine protease NS3'
2 polymer 'HCV non-structural protein 4A'
3 non-polymer 'SODIUM ION'
4 non-polymer N-[(cyclopentyloxy)carbonyl]-3-methyl-L-valyl-(4R)-N-[(1R,2S)-1-carboxy-2-ethenylcyclopropyl]-4-[(7-methoxy-2-{2-[(2-methylpropanoyl)amino]-1,3-thiazol-4-yl}quinolin-4-yl)oxy]-L-prolinamide
5 water water
#
loop_
_entity_poly.entity_id
_entity_poly.type
_entity_poly.pdbx_seq_one_letter_code
_entity_poly.pdbx_strand_id
1 'polypeptide(L)'
;APITAYSQQTRGLLGCIITSLTGRDKNQVDGEVQVLSTATQSFLATCVNGVCWTVYHGAGSKTLAGPKGPITQMYTNVDQ
DLVGWPAPPGARSMTPCTCGSSDLYLVTRHADVIPVRRRGDSRGSLLSPRPVSYLKGSSGGPLLCPSGHVVGIFRAAVCT
RGVAKAVDFIPVESMETTMRASKKKK
;
A,B
2 'polypeptide(L)' KKGSVVIVGRIILSGRK C,D
#
loop_
_chem_comp.id
_chem_comp.type
_chem_comp.name
_chem_comp.formula
L5T non-polymer N-[(cyclopentyloxy)carbonyl]-3-methyl-L-valyl-(4R)-N-[(1R,2S)-1-carboxy-2-ethenylcyclopropyl]-4-[(7-methoxy-2-{2-[(2-methylpropanoyl)amino]-1,3-thiazol-4-yl}quinolin-4-yl)oxy]-L-prolinamide 'C40 H50 N6 O9 S'
NA non-polymer 'SODIUM ION' 'Na 1'
#
# COMPACT_ATOMS: atom_id res chain seq x y z
N ALA A 1 4.55 -0.98 -8.43
CA ALA A 1 3.31 -1.73 -8.80
C ALA A 1 3.64 -2.88 -9.76
N PRO A 2 3.12 -4.10 -9.49
CA PRO A 2 3.35 -5.27 -10.35
C PRO A 2 2.57 -5.19 -11.67
N ILE A 3 1.43 -4.50 -11.61
CA ILE A 3 0.47 -4.50 -12.70
C ILE A 3 0.71 -3.32 -13.64
N THR A 4 0.64 -3.56 -14.95
CA THR A 4 0.76 -2.49 -15.92
C THR A 4 -0.43 -2.48 -16.90
N ALA A 5 -0.54 -1.41 -17.68
CA ALA A 5 -1.69 -1.24 -18.56
C ALA A 5 -1.39 -0.27 -19.72
N TYR A 6 -2.08 -0.49 -20.86
CA TYR A 6 -2.07 0.51 -21.92
C TYR A 6 -3.45 0.57 -22.54
N SER A 7 -3.76 1.70 -23.20
CA SER A 7 -5.06 1.84 -23.84
C SER A 7 -4.96 1.81 -25.36
N GLN A 8 -6.09 1.46 -25.99
CA GLN A 8 -6.28 1.54 -27.43
C GLN A 8 -7.65 2.16 -27.71
N GLN A 9 -7.67 3.28 -28.42
CA GLN A 9 -8.94 3.89 -28.85
C GLN A 9 -9.56 3.14 -30.01
N THR A 10 -10.88 3.22 -30.12
CA THR A 10 -11.59 2.46 -31.15
C THR A 10 -12.45 3.34 -32.03
N ARG A 11 -12.90 4.47 -31.47
CA ARG A 11 -13.84 5.35 -32.16
C ARG A 11 -13.45 6.81 -31.98
N GLY A 12 -13.92 7.65 -32.90
CA GLY A 12 -13.77 9.08 -32.75
C GLY A 12 -15.07 9.71 -32.27
N LEU A 13 -15.11 11.04 -32.25
CA LEU A 13 -16.26 11.76 -31.71
C LEU A 13 -17.48 11.62 -32.60
N LEU A 14 -17.24 11.38 -33.88
CA LEU A 14 -18.32 11.34 -34.86
C LEU A 14 -18.94 9.96 -34.90
N GLY A 15 -18.12 8.93 -35.12
CA GLY A 15 -18.62 7.57 -35.10
C GLY A 15 -19.25 7.18 -33.78
N CYS A 16 -19.00 7.96 -32.73
CA CYS A 16 -19.57 7.71 -31.40
C CYS A 16 -21.00 8.25 -31.31
N ILE A 17 -21.19 9.48 -31.78
CA ILE A 17 -22.52 10.03 -31.97
C ILE A 17 -23.40 9.10 -32.81
N ILE A 18 -22.86 8.66 -33.95
CA ILE A 18 -23.56 7.72 -34.80
C ILE A 18 -23.94 6.45 -34.05
N THR A 19 -22.96 5.82 -33.42
CA THR A 19 -23.19 4.54 -32.75
C THR A 19 -24.18 4.73 -31.59
N SER A 20 -24.09 5.88 -30.95
CA SER A 20 -25.00 6.21 -29.86
C SER A 20 -26.47 6.16 -30.32
N LEU A 21 -26.72 6.64 -31.55
CA LEU A 21 -28.07 6.77 -32.09
C LEU A 21 -28.61 5.48 -32.70
N THR A 22 -27.73 4.66 -33.23
CA THR A 22 -28.17 3.39 -33.82
C THR A 22 -28.15 2.27 -32.79
N GLY A 23 -27.37 2.45 -31.74
CA GLY A 23 -27.20 1.42 -30.73
C GLY A 23 -26.51 0.16 -31.20
N ARG A 24 -25.81 0.24 -32.34
CA ARG A 24 -25.24 -0.94 -32.97
C ARG A 24 -23.75 -0.73 -33.23
N ASP A 25 -22.92 -1.54 -32.58
CA ASP A 25 -21.47 -1.36 -32.65
C ASP A 25 -20.82 -2.64 -33.18
N LYS A 26 -20.23 -2.55 -34.37
CA LYS A 26 -19.66 -3.69 -35.04
C LYS A 26 -18.23 -3.96 -34.58
N ASN A 27 -17.59 -2.95 -34.02
CA ASN A 27 -16.20 -3.05 -33.58
C ASN A 27 -15.97 -4.28 -32.70
N GLN A 28 -14.89 -5.00 -32.97
CA GLN A 28 -14.47 -6.14 -32.15
C GLN A 28 -14.08 -5.63 -30.77
N VAL A 29 -14.40 -6.40 -29.75
CA VAL A 29 -14.17 -5.98 -28.37
C VAL A 29 -13.04 -6.79 -27.73
N ASP A 30 -12.18 -6.09 -26.99
CA ASP A 30 -11.09 -6.72 -26.26
C ASP A 30 -10.78 -5.94 -25.00
N GLY A 31 -9.98 -6.53 -24.11
CA GLY A 31 -9.53 -5.82 -22.94
C GLY A 31 -10.34 -6.11 -21.69
N GLU A 32 -9.75 -5.87 -20.53
CA GLU A 32 -10.44 -6.11 -19.28
C GLU A 32 -11.37 -4.92 -19.00
N VAL A 33 -11.02 -3.78 -19.54
CA VAL A 33 -11.69 -2.55 -19.19
C VAL A 33 -12.14 -1.84 -20.45
N GLN A 34 -13.41 -1.47 -20.50
CA GLN A 34 -13.91 -0.73 -21.65
C GLN A 34 -14.01 0.76 -21.34
N VAL A 35 -13.68 1.59 -22.33
CA VAL A 35 -13.77 3.05 -22.18
C VAL A 35 -15.07 3.49 -22.84
N LEU A 36 -15.92 4.16 -22.08
CA LEU A 36 -17.29 4.37 -22.50
C LEU A 36 -17.61 5.84 -22.62
N SER A 37 -18.54 6.14 -23.52
CA SER A 37 -18.94 7.52 -23.69
C SER A 37 -20.45 7.65 -23.93
N THR A 38 -21.02 8.70 -23.33
CA THR A 38 -22.33 9.19 -23.74
C THR A 38 -22.10 10.57 -24.38
N ALA A 39 -23.19 11.30 -24.56
CA ALA A 39 -23.14 12.66 -25.08
C ALA A 39 -22.31 13.56 -24.15
N THR A 40 -22.54 13.44 -22.85
CA THR A 40 -22.05 14.45 -21.92
C THR A 40 -20.83 14.05 -21.07
N GLN A 41 -20.46 12.77 -21.08
CA GLN A 41 -19.32 12.34 -20.27
C GLN A 41 -18.71 10.99 -20.64
N SER A 42 -17.49 10.77 -20.17
CA SER A 42 -16.78 9.53 -20.40
C SER A 42 -16.51 8.85 -19.04
N PHE A 43 -16.39 7.52 -19.05
CA PHE A 43 -16.15 6.74 -17.85
C PHE A 43 -15.71 5.35 -18.27
N LEU A 44 -15.61 4.43 -17.31
CA LEU A 44 -14.99 3.11 -17.53
C LEU A 44 -15.93 1.99 -17.13
N ALA A 45 -15.74 0.79 -17.69
CA ALA A 45 -16.49 -0.38 -17.29
C ALA A 45 -15.55 -1.55 -17.13
N THR A 46 -15.75 -2.32 -16.07
CA THR A 46 -14.89 -3.45 -15.77
C THR A 46 -15.70 -4.72 -15.92
N CYS A 47 -15.20 -5.66 -16.72
CA CYS A 47 -15.89 -6.94 -16.93
C CYS A 47 -15.49 -7.92 -15.85
N VAL A 48 -16.50 -8.45 -15.16
CA VAL A 48 -16.30 -9.37 -14.05
C VAL A 48 -17.39 -10.44 -14.13
N ASN A 49 -16.96 -11.69 -14.26
CA ASN A 49 -17.86 -12.81 -14.46
C ASN A 49 -18.91 -12.55 -15.55
N GLY A 50 -18.45 -12.06 -16.69
CA GLY A 50 -19.32 -11.93 -17.84
C GLY A 50 -20.29 -10.75 -17.84
N VAL A 51 -20.17 -9.87 -16.84
CA VAL A 51 -20.94 -8.62 -16.83
C VAL A 51 -19.98 -7.44 -16.94
N CYS A 52 -20.29 -6.51 -17.86
CA CYS A 52 -19.67 -5.19 -17.88
C CYS A 52 -20.29 -4.27 -16.82
N TRP A 53 -19.53 -4.01 -15.76
CA TRP A 53 -19.95 -3.19 -14.63
C TRP A 53 -19.47 -1.74 -14.73
N THR A 54 -20.35 -0.79 -14.42
CA THR A 54 -19.93 0.61 -14.38
C THR A 54 -20.84 1.38 -13.43
N VAL A 55 -20.74 2.70 -13.40
CA VAL A 55 -21.55 3.47 -12.46
C VAL A 55 -22.84 4.02 -13.07
N TYR A 56 -23.89 4.09 -12.25
CA TYR A 56 -25.13 4.71 -12.66
C TYR A 56 -24.98 6.16 -13.10
N HIS A 57 -24.16 6.93 -12.39
CA HIS A 57 -24.10 8.36 -12.65
C HIS A 57 -23.39 8.66 -13.95
N GLY A 58 -22.76 7.64 -14.53
CA GLY A 58 -22.24 7.73 -15.88
C GLY A 58 -23.19 7.17 -16.94
N ALA A 59 -23.65 5.93 -16.76
CA ALA A 59 -24.45 5.23 -17.78
C ALA A 59 -25.97 5.51 -17.68
N GLY A 60 -26.43 5.99 -16.53
CA GLY A 60 -27.86 6.09 -16.28
C GLY A 60 -28.56 4.76 -16.45
N SER A 61 -29.73 4.76 -17.08
CA SER A 61 -30.45 3.54 -17.39
C SER A 61 -30.21 3.10 -18.84
N LYS A 62 -29.25 3.73 -19.52
CA LYS A 62 -29.03 3.49 -20.95
C LYS A 62 -28.67 2.05 -21.37
N THR A 63 -28.94 1.73 -22.64
CA THR A 63 -28.43 0.53 -23.29
C THR A 63 -26.94 0.70 -23.65
N LEU A 64 -26.25 -0.41 -23.78
CA LEU A 64 -24.90 -0.39 -24.35
C LEU A 64 -24.93 -0.75 -25.84
N ALA A 65 -24.38 0.12 -26.67
CA ALA A 65 -24.29 -0.18 -28.09
C ALA A 65 -23.55 -1.51 -28.28
N GLY A 66 -24.16 -2.41 -29.04
CA GLY A 66 -23.62 -3.74 -29.23
C GLY A 66 -23.77 -4.25 -30.65
N PRO A 67 -23.18 -5.42 -30.96
CA PRO A 67 -23.10 -6.00 -32.32
C PRO A 67 -24.46 -6.40 -32.89
N LYS A 68 -25.36 -6.86 -32.01
CA LYS A 68 -26.72 -7.22 -32.39
C LYS A 68 -27.70 -6.10 -32.02
N GLY A 69 -27.19 -4.87 -31.95
CA GLY A 69 -28.02 -3.76 -31.51
C GLY A 69 -27.82 -3.45 -30.03
N PRO A 70 -28.66 -2.58 -29.44
CA PRO A 70 -28.46 -2.12 -28.06
C PRO A 70 -28.65 -3.22 -27.02
N ILE A 71 -27.73 -3.27 -26.06
CA ILE A 71 -27.80 -4.25 -24.97
C ILE A 71 -28.49 -3.62 -23.76
N THR A 72 -29.53 -4.27 -23.27
CA THR A 72 -30.30 -3.81 -22.13
C THR A 72 -29.56 -4.14 -20.83
N GLN A 73 -29.62 -3.23 -19.86
CA GLN A 73 -28.99 -3.45 -18.57
C GLN A 73 -29.56 -4.69 -17.89
N MET A 74 -28.67 -5.47 -17.28
CA MET A 74 -29.04 -6.72 -16.63
C MET A 74 -29.13 -6.48 -15.13
N TYR A 75 -28.53 -5.39 -14.66
CA TYR A 75 -28.53 -5.05 -13.25
C TYR A 75 -28.49 -3.56 -13.09
N THR A 76 -29.33 -3.03 -12.21
CA THR A 76 -29.47 -1.60 -12.09
C THR A 76 -29.75 -1.28 -10.64
N ASN A 77 -28.81 -0.60 -10.00
CA ASN A 77 -28.97 -0.20 -8.62
C ASN A 77 -28.57 1.24 -8.48
N VAL A 78 -29.57 2.12 -8.51
CA VAL A 78 -29.32 3.55 -8.49
C VAL A 78 -28.56 3.95 -7.23
N ASP A 79 -28.90 3.35 -6.09
CA ASP A 79 -28.39 3.81 -4.81
C ASP A 79 -27.00 3.26 -4.52
N GLN A 80 -26.66 2.13 -5.13
CA GLN A 80 -25.28 1.67 -5.16
C GLN A 80 -24.44 2.43 -6.20
N ASP A 81 -25.11 3.15 -7.11
CA ASP A 81 -24.47 3.76 -8.27
C ASP A 81 -23.86 2.65 -9.16
N LEU A 82 -24.54 1.51 -9.28
CA LEU A 82 -24.02 0.38 -10.04
C LEU A 82 -24.98 -0.10 -11.15
N VAL A 83 -24.45 -0.30 -12.35
CA VAL A 83 -25.20 -0.97 -13.39
C VAL A 83 -24.30 -1.99 -14.08
N GLY A 84 -24.94 -2.98 -14.71
CA GLY A 84 -24.18 -4.00 -15.43
C GLY A 84 -24.96 -4.45 -16.64
N TRP A 85 -24.24 -4.57 -17.76
CA TRP A 85 -24.79 -5.18 -18.97
C TRP A 85 -24.09 -6.51 -19.14
N PRO A 86 -24.74 -7.49 -19.79
CA PRO A 86 -24.03 -8.71 -20.20
C PRO A 86 -22.82 -8.34 -21.07
N ALA A 87 -21.66 -8.91 -20.75
CA ALA A 87 -20.41 -8.56 -21.42
C ALA A 87 -20.42 -8.98 -22.87
N PRO A 88 -20.12 -8.05 -23.79
CA PRO A 88 -20.03 -8.36 -25.23
C PRO A 88 -18.98 -9.44 -25.50
N PRO A 89 -19.10 -10.13 -26.64
CA PRO A 89 -18.17 -11.22 -26.99
C PRO A 89 -16.75 -10.68 -27.17
N GLY A 90 -15.81 -11.21 -26.38
CA GLY A 90 -14.42 -10.86 -26.58
C GLY A 90 -13.86 -9.94 -25.50
N ALA A 91 -14.75 -9.38 -24.69
CA ALA A 91 -14.32 -8.67 -23.49
C ALA A 91 -13.66 -9.71 -22.59
N ARG A 92 -12.60 -9.31 -21.90
CA ARG A 92 -11.87 -10.23 -21.02
C ARG A 92 -12.43 -10.16 -19.60
N SER A 93 -13.08 -11.24 -19.19
CA SER A 93 -13.71 -11.30 -17.88
C SER A 93 -12.64 -11.36 -16.79
N MET A 94 -12.78 -10.50 -15.79
CA MET A 94 -11.86 -10.50 -14.66
C MET A 94 -12.35 -11.44 -13.54
N THR A 95 -11.47 -11.77 -12.62
CA THR A 95 -11.81 -12.66 -11.50
C THR A 95 -11.80 -11.88 -10.19
N PRO A 96 -12.83 -12.07 -9.36
CA PRO A 96 -12.96 -11.44 -8.04
C PRO A 96 -11.79 -11.75 -7.09
N CYS A 97 -11.35 -10.74 -6.35
CA CYS A 97 -10.36 -10.94 -5.29
C CYS A 97 -11.04 -11.13 -3.94
N THR A 98 -10.50 -12.07 -3.15
CA THR A 98 -11.04 -12.37 -1.83
C THR A 98 -9.95 -12.53 -0.75
N CYS A 99 -8.68 -12.51 -1.17
CA CYS A 99 -7.57 -12.71 -0.24
C CYS A 99 -7.39 -11.50 0.67
N GLY A 100 -8.03 -10.40 0.30
CA GLY A 100 -8.04 -9.23 1.17
C GLY A 100 -6.66 -8.66 1.43
N SER A 101 -5.86 -8.52 0.37
CA SER A 101 -4.56 -7.87 0.50
C SER A 101 -4.79 -6.39 0.76
N SER A 102 -3.84 -5.77 1.45
CA SER A 102 -4.04 -4.45 2.01
C SER A 102 -3.77 -3.37 0.96
N ASP A 103 -2.80 -3.61 0.09
CA ASP A 103 -2.44 -2.60 -0.91
C ASP A 103 -3.15 -2.89 -2.26
N LEU A 104 -3.88 -1.90 -2.78
CA LEU A 104 -4.65 -2.08 -4.00
C LEU A 104 -4.11 -1.22 -5.15
N TYR A 105 -4.64 -1.43 -6.35
CA TYR A 105 -4.21 -0.64 -7.51
C TYR A 105 -5.37 -0.21 -8.41
N LEU A 106 -5.54 1.10 -8.49
CA LEU A 106 -6.57 1.71 -9.31
C LEU A 106 -6.06 1.91 -10.75
N VAL A 107 -6.81 1.41 -11.71
CA VAL A 107 -6.46 1.63 -13.11
C VAL A 107 -7.30 2.82 -13.62
N THR A 108 -6.64 3.90 -14.02
CA THR A 108 -7.36 5.06 -14.52
C THR A 108 -7.65 4.92 -16.04
N ARG A 109 -8.51 5.79 -16.57
CA ARG A 109 -8.80 5.81 -18.01
C ARG A 109 -7.56 6.11 -18.86
N HIS A 110 -6.53 6.66 -18.23
CA HIS A 110 -5.30 7.01 -18.93
C HIS A 110 -4.37 5.80 -18.95
N ALA A 111 -4.88 4.66 -18.49
CA ALA A 111 -4.08 3.43 -18.41
C ALA A 111 -2.90 3.56 -17.43
N ASP A 112 -3.05 4.42 -16.43
CA ASP A 112 -2.10 4.50 -15.31
C ASP A 112 -2.56 3.60 -14.19
N VAL A 113 -1.60 3.10 -13.41
CA VAL A 113 -1.88 2.17 -12.34
C VAL A 113 -1.48 2.83 -11.01
N ILE A 114 -2.47 3.12 -10.17
CA ILE A 114 -2.25 3.96 -9.01
C ILE A 114 -2.39 3.17 -7.73
N PRO A 115 -1.34 3.18 -6.89
CA PRO A 115 -1.31 2.52 -5.58
C PRO A 115 -2.35 3.07 -4.63
N VAL A 116 -3.16 2.18 -4.09
CA VAL A 116 -4.15 2.55 -3.09
C VAL A 116 -3.97 1.67 -1.85
N ARG A 117 -4.22 2.24 -0.68
CA ARG A 117 -4.24 1.48 0.56
C ARG A 117 -5.69 1.30 0.99
N ARG A 118 -6.16 0.07 1.00
CA ARG A 118 -7.50 -0.22 1.51
C ARG A 118 -7.67 0.29 2.96
N ARG A 119 -8.72 1.07 3.20
CA ARG A 119 -9.00 1.65 4.52
C ARG A 119 -10.27 1.05 5.11
N GLY A 120 -10.94 0.23 4.31
CA GLY A 120 -12.22 -0.34 4.74
C GLY A 120 -12.91 -1.00 3.57
N ASP A 121 -14.16 -1.41 3.77
CA ASP A 121 -14.82 -2.23 2.77
C ASP A 121 -14.92 -1.54 1.40
N SER A 122 -15.22 -0.25 1.40
CA SER A 122 -15.47 0.46 0.15
C SER A 122 -14.67 1.77 0.08
N ARG A 123 -13.62 1.86 0.89
CA ARG A 123 -12.81 3.06 0.98
C ARG A 123 -11.34 2.71 0.80
N GLY A 124 -10.62 3.60 0.12
CA GLY A 124 -9.22 3.36 -0.14
C GLY A 124 -8.46 4.68 -0.12
N SER A 125 -7.26 4.68 0.46
CA SER A 125 -6.45 5.88 0.48
C SER A 125 -5.42 5.86 -0.67
N LEU A 126 -5.25 7.00 -1.33
CA LEU A 126 -4.16 7.17 -2.29
C LEU A 126 -2.83 7.39 -1.57
N LEU A 127 -1.90 6.45 -1.72
CA LEU A 127 -0.58 6.59 -1.11
C LEU A 127 0.06 7.89 -1.56
N SER A 128 -0.30 8.34 -2.76
CA SER A 128 0.17 9.61 -3.30
C SER A 128 -1.01 10.40 -3.87
N PRO A 129 -1.24 11.61 -3.33
CA PRO A 129 -2.36 12.47 -3.75
C PRO A 129 -2.36 12.83 -5.24
N ARG A 130 -3.54 12.95 -5.83
CA ARG A 130 -3.66 13.31 -7.24
C ARG A 130 -4.72 14.39 -7.42
N PRO A 131 -4.60 15.21 -8.48
CA PRO A 131 -5.71 16.10 -8.85
C PRO A 131 -7.01 15.31 -9.09
N VAL A 132 -8.12 15.87 -8.62
CA VAL A 132 -9.43 15.34 -8.92
C VAL A 132 -9.64 15.23 -10.45
N SER A 133 -9.26 16.29 -11.17
CA SER A 133 -9.45 16.32 -12.61
C SER A 133 -8.75 15.15 -13.28
N TYR A 134 -7.60 14.75 -12.75
CA TYR A 134 -6.90 13.58 -13.25
C TYR A 134 -7.70 12.27 -13.09
N LEU A 135 -8.48 12.14 -12.02
CA LEU A 135 -9.28 10.93 -11.78
C LEU A 135 -10.62 10.97 -12.52
N LYS A 136 -11.05 12.18 -12.87
CA LYS A 136 -12.36 12.41 -13.45
C LYS A 136 -12.43 11.62 -14.77
N GLY A 137 -13.52 10.90 -14.96
CA GLY A 137 -13.64 10.04 -16.12
C GLY A 137 -13.16 8.61 -15.91
N SER A 138 -12.72 8.28 -14.70
CA SER A 138 -12.25 6.93 -14.38
C SER A 138 -13.22 6.13 -13.48
N SER A 139 -14.36 6.71 -13.13
CA SER A 139 -15.42 5.96 -12.47
C SER A 139 -15.74 4.73 -13.30
N GLY A 140 -15.94 3.60 -12.63
CA GLY A 140 -16.10 2.34 -13.32
C GLY A 140 -14.79 1.55 -13.42
N GLY A 141 -13.66 2.25 -13.30
CA GLY A 141 -12.37 1.57 -13.38
C GLY A 141 -12.12 0.64 -12.18
N PRO A 142 -11.36 -0.44 -12.39
CA PRO A 142 -11.13 -1.49 -11.38
C PRO A 142 -10.08 -1.13 -10.32
N LEU A 143 -10.37 -1.45 -9.07
CA LEU A 143 -9.34 -1.59 -8.06
C LEU A 143 -8.89 -3.05 -8.01
N LEU A 144 -7.60 -3.28 -8.16
CA LEU A 144 -7.06 -4.63 -8.22
C LEU A 144 -6.25 -4.99 -6.98
N CYS A 145 -6.40 -6.23 -6.51
CA CYS A 145 -5.38 -6.85 -5.66
C CYS A 145 -4.10 -7.07 -6.48
N PRO A 146 -2.97 -7.25 -5.80
CA PRO A 146 -1.69 -7.33 -6.54
C PRO A 146 -1.65 -8.52 -7.51
N SER A 147 -2.45 -9.54 -7.25
CA SER A 147 -2.55 -10.70 -8.15
C SER A 147 -3.25 -10.36 -9.48
N GLY A 148 -3.81 -9.16 -9.59
CA GLY A 148 -4.56 -8.80 -10.79
C GLY A 148 -6.06 -9.09 -10.70
N HIS A 149 -6.53 -9.54 -9.55
CA HIS A 149 -7.96 -9.76 -9.37
C HIS A 149 -8.66 -8.47 -8.95
N VAL A 150 -9.97 -8.40 -9.20
CA VAL A 150 -10.74 -7.18 -8.98
C VAL A 150 -11.37 -7.19 -7.59
N VAL A 151 -11.25 -6.06 -6.89
CA VAL A 151 -11.82 -5.93 -5.55
C VAL A 151 -13.06 -5.06 -5.61
N GLY A 152 -13.12 -4.18 -6.62
CA GLY A 152 -14.17 -3.19 -6.69
C GLY A 152 -14.06 -2.31 -7.93
N ILE A 153 -15.00 -1.39 -8.13
CA ILE A 153 -14.81 -0.42 -9.20
C ILE A 153 -14.86 0.98 -8.64
N PHE A 154 -14.19 1.92 -9.30
CA PHE A 154 -14.03 3.27 -8.77
C PHE A 154 -15.39 4.00 -8.85
N ARG A 155 -15.85 4.58 -7.73
CA ARG A 155 -17.18 5.24 -7.73
C ARG A 155 -17.13 6.75 -7.53
N ALA A 156 -16.38 7.20 -6.51
CA ALA A 156 -16.30 8.61 -6.16
C ALA A 156 -14.93 8.90 -5.54
N ALA A 157 -14.55 10.17 -5.52
CA ALA A 157 -13.26 10.60 -4.96
C ALA A 157 -13.48 11.39 -3.68
N VAL A 158 -12.65 11.14 -2.67
CA VAL A 158 -12.61 11.98 -1.47
C VAL A 158 -11.58 13.07 -1.72
N CYS A 159 -12.02 14.33 -1.69
CA CYS A 159 -11.16 15.40 -2.17
C CYS A 159 -11.40 16.75 -1.48
N THR A 160 -10.44 17.64 -1.63
CA THR A 160 -10.47 18.94 -0.96
C THR A 160 -9.66 19.93 -1.78
N ARG A 161 -10.31 21.00 -2.21
CA ARG A 161 -9.68 21.99 -3.07
C ARG A 161 -9.08 21.34 -4.32
N GLY A 162 -9.82 20.41 -4.90
CA GLY A 162 -9.43 19.78 -6.15
C GLY A 162 -8.31 18.76 -6.05
N VAL A 163 -8.00 18.33 -4.83
CA VAL A 163 -6.97 17.34 -4.61
C VAL A 163 -7.61 16.11 -3.95
N ALA A 164 -7.39 14.93 -4.52
CA ALA A 164 -8.02 13.72 -4.01
C ALA A 164 -7.04 12.91 -3.20
N LYS A 165 -7.42 12.54 -1.98
CA LYS A 165 -6.53 11.78 -1.12
C LYS A 165 -7.03 10.35 -0.93
N ALA A 166 -8.27 10.09 -1.32
CA ALA A 166 -8.90 8.79 -1.14
C ALA A 166 -9.95 8.51 -2.24
N VAL A 167 -10.21 7.23 -2.49
CA VAL A 167 -11.27 6.80 -3.42
C VAL A 167 -12.36 5.99 -2.72
N ASP A 168 -13.61 6.24 -3.09
CA ASP A 168 -14.73 5.40 -2.69
C ASP A 168 -15.04 4.43 -3.85
N PHE A 169 -15.16 3.14 -3.55
CA PHE A 169 -15.43 2.16 -4.60
C PHE A 169 -16.57 1.22 -4.23
N ILE A 170 -17.14 0.56 -5.23
CA ILE A 170 -18.12 -0.50 -5.05
C ILE A 170 -17.41 -1.86 -4.97
N PRO A 171 -17.37 -2.46 -3.78
CA PRO A 171 -16.70 -3.74 -3.61
C PRO A 171 -17.38 -4.84 -4.44
N VAL A 172 -16.57 -5.76 -4.95
CA VAL A 172 -17.08 -6.85 -5.78
C VAL A 172 -18.21 -7.62 -5.06
N GLU A 173 -18.35 -7.42 -3.76
CA GLU A 173 -19.45 -8.01 -2.99
C GLU A 173 -20.83 -7.44 -3.37
N SER A 174 -20.93 -6.12 -3.42
CA SER A 174 -22.17 -5.44 -3.81
C SER A 174 -22.67 -5.88 -5.18
N MET A 175 -21.77 -6.35 -6.03
CA MET A 175 -22.16 -6.80 -7.35
C MET A 175 -22.88 -8.14 -7.24
N GLU A 176 -22.71 -8.80 -6.10
CA GLU A 176 -23.45 -10.02 -5.80
C GLU A 176 -24.85 -9.68 -5.28
N THR A 177 -24.92 -8.62 -4.48
CA THR A 177 -26.16 -8.21 -3.83
C THR A 177 -27.19 -7.71 -4.85
N THR A 178 -26.71 -7.11 -5.94
CA THR A 178 -27.58 -6.69 -7.03
C THR A 178 -28.03 -7.90 -7.87
N MET A 179 -27.15 -8.88 -7.99
CA MET A 179 -27.45 -10.07 -8.78
C MET A 179 -28.50 -10.97 -8.12
N ARG A 180 -28.47 -11.04 -6.79
CA ARG A 180 -29.42 -11.84 -6.01
C ARG A 180 -30.83 -11.25 -6.07
N ALA A 181 -30.92 -9.92 -6.00
CA ALA A 181 -32.19 -9.21 -6.19
C ALA A 181 -32.50 -9.06 -7.69
N SER A 182 -32.12 -10.07 -8.46
CA SER A 182 -32.58 -10.20 -9.85
C SER A 182 -33.20 -11.59 -10.06
N ALA B 1 4.08 -2.60 -2.48
CA ALA B 1 4.27 -1.21 -1.95
C ALA B 1 5.17 -0.39 -2.88
N PRO B 2 5.18 0.95 -2.69
CA PRO B 2 6.24 1.82 -3.25
C PRO B 2 7.56 1.58 -2.51
N ILE B 3 7.46 0.88 -1.39
CA ILE B 3 8.60 0.67 -0.49
C ILE B 3 8.96 -0.80 -0.35
N THR B 4 10.19 -1.12 -0.74
CA THR B 4 10.72 -2.47 -0.66
C THR B 4 12.05 -2.50 0.10
N ALA B 5 12.49 -3.70 0.47
CA ALA B 5 13.69 -3.86 1.25
C ALA B 5 14.26 -5.25 1.06
N TYR B 6 15.58 -5.37 1.21
CA TYR B 6 16.22 -6.67 1.35
C TYR B 6 17.27 -6.57 2.44
N SER B 7 17.75 -7.74 2.89
CA SER B 7 18.78 -7.75 3.91
C SER B 7 20.08 -8.37 3.39
N GLN B 8 21.17 -7.97 4.02
CA GLN B 8 22.48 -8.60 3.84
C GLN B 8 23.03 -8.98 5.19
N GLN B 9 23.35 -10.25 5.39
CA GLN B 9 24.09 -10.64 6.59
C GLN B 9 25.55 -10.21 6.46
N THR B 10 26.13 -9.78 7.57
CA THR B 10 27.49 -9.24 7.58
C THR B 10 28.43 -10.06 8.45
N ARG B 11 27.87 -10.88 9.33
CA ARG B 11 28.65 -11.54 10.36
C ARG B 11 28.05 -12.88 10.73
N GLY B 12 28.90 -13.82 11.14
CA GLY B 12 28.43 -15.09 11.62
C GLY B 12 28.40 -15.16 13.14
N LEU B 13 28.18 -16.34 13.69
CA LEU B 13 28.14 -16.53 15.13
C LEU B 13 29.49 -16.16 15.76
N LEU B 14 30.53 -16.91 15.39
CA LEU B 14 31.85 -16.74 16.00
C LEU B 14 32.28 -15.28 16.00
N GLY B 15 32.25 -14.64 14.83
CA GLY B 15 32.60 -13.23 14.76
C GLY B 15 31.74 -12.37 15.67
N CYS B 16 30.52 -12.81 15.94
CA CYS B 16 29.60 -12.03 16.76
C CYS B 16 30.02 -12.03 18.23
N ILE B 17 30.20 -13.23 18.78
CA ILE B 17 30.74 -13.42 20.13
C ILE B 17 32.08 -12.70 20.29
N ILE B 18 32.95 -12.83 19.31
CA ILE B 18 34.24 -12.18 19.38
C ILE B 18 34.07 -10.67 19.46
N THR B 19 33.36 -10.10 18.49
CA THR B 19 33.25 -8.65 18.39
C THR B 19 32.54 -8.11 19.64
N SER B 20 31.61 -8.89 20.17
CA SER B 20 30.94 -8.55 21.40
C SER B 20 31.92 -8.39 22.58
N LEU B 21 33.07 -9.06 22.50
CA LEU B 21 34.04 -9.07 23.61
C LEU B 21 35.11 -7.99 23.46
N THR B 22 35.50 -7.69 22.23
CA THR B 22 36.49 -6.66 21.99
C THR B 22 35.83 -5.30 21.92
N GLY B 23 34.55 -5.29 21.54
CA GLY B 23 33.85 -4.04 21.28
C GLY B 23 34.32 -3.33 20.03
N ARG B 24 35.07 -4.03 19.18
CA ARG B 24 35.62 -3.41 17.98
C ARG B 24 35.06 -4.08 16.72
N ASP B 25 34.23 -3.36 15.98
CA ASP B 25 33.69 -3.88 14.72
C ASP B 25 34.20 -3.00 13.59
N LYS B 26 34.91 -3.60 12.64
CA LYS B 26 35.54 -2.83 11.58
C LYS B 26 34.92 -3.03 10.19
N ASN B 27 33.80 -3.75 10.15
CA ASN B 27 33.03 -3.89 8.91
C ASN B 27 32.43 -2.56 8.46
N GLN B 28 32.27 -2.42 7.15
CA GLN B 28 31.56 -1.31 6.55
C GLN B 28 30.13 -1.32 7.11
N VAL B 29 29.64 -0.16 7.51
CA VAL B 29 28.23 -0.02 7.86
C VAL B 29 27.48 0.59 6.68
N ASP B 30 26.28 0.09 6.42
CA ASP B 30 25.42 0.67 5.38
C ASP B 30 23.94 0.34 5.66
N GLY B 31 23.04 1.05 5.00
CA GLY B 31 21.63 0.77 5.19
C GLY B 31 20.94 1.64 6.23
N GLU B 32 19.62 1.75 6.11
CA GLU B 32 18.78 2.49 7.04
C GLU B 32 18.58 1.74 8.36
N VAL B 33 18.62 0.40 8.31
CA VAL B 33 18.33 -0.39 9.49
C VAL B 33 19.47 -1.37 9.75
N GLN B 34 19.94 -1.40 11.01
CA GLN B 34 20.94 -2.38 11.42
C GLN B 34 20.27 -3.55 12.11
N VAL B 35 20.76 -4.75 11.80
CA VAL B 35 20.35 -5.96 12.49
C VAL B 35 21.34 -6.17 13.61
N LEU B 36 20.82 -6.40 14.82
CA LEU B 36 21.63 -6.27 16.02
C LEU B 36 21.51 -7.52 16.85
N SER B 37 22.58 -7.84 17.57
CA SER B 37 22.60 -9.06 18.35
C SER B 37 23.37 -8.92 19.66
N THR B 38 22.80 -9.51 20.69
CA THR B 38 23.52 -9.69 21.94
C THR B 38 23.76 -11.18 22.09
N ALA B 39 23.98 -11.61 23.33
CA ALA B 39 24.22 -13.01 23.61
C ALA B 39 22.90 -13.79 23.50
N THR B 40 21.83 -13.16 23.95
CA THR B 40 20.56 -13.86 24.13
C THR B 40 19.46 -13.55 23.11
N GLN B 41 19.61 -12.44 22.35
CA GLN B 41 18.56 -12.04 21.43
C GLN B 41 19.02 -11.16 20.27
N SER B 42 18.15 -11.03 19.27
CA SER B 42 18.41 -10.19 18.12
C SER B 42 17.28 -9.16 18.01
N PHE B 43 17.62 -7.99 17.49
CA PHE B 43 16.64 -6.92 17.31
C PHE B 43 17.17 -5.99 16.22
N LEU B 44 16.52 -4.83 16.06
CA LEU B 44 16.83 -3.90 14.97
C LEU B 44 17.16 -2.51 15.52
N ALA B 45 17.90 -1.73 14.76
CA ALA B 45 18.07 -0.33 15.09
C ALA B 45 17.78 0.48 13.84
N THR B 46 17.15 1.64 14.04
CA THR B 46 16.86 2.51 12.92
C THR B 46 17.64 3.79 13.08
N CYS B 47 18.35 4.14 12.03
CA CYS B 47 19.17 5.34 12.03
C CYS B 47 18.35 6.57 11.63
N VAL B 48 18.15 7.48 12.58
CA VAL B 48 17.36 8.69 12.35
C VAL B 48 18.16 9.89 12.84
N ASN B 49 18.41 10.84 11.95
CA ASN B 49 19.20 12.04 12.28
C ASN B 49 20.54 11.76 12.95
N GLY B 50 21.31 10.84 12.39
CA GLY B 50 22.66 10.62 12.89
C GLY B 50 22.71 9.82 14.18
N VAL B 51 21.54 9.57 14.77
CA VAL B 51 21.47 8.70 15.94
C VAL B 51 20.94 7.35 15.54
N CYS B 52 21.41 6.33 16.23
CA CYS B 52 21.04 4.97 15.90
C CYS B 52 20.13 4.42 17.02
N TRP B 53 18.84 4.33 16.74
CA TRP B 53 17.83 4.05 17.77
C TRP B 53 17.34 2.58 17.83
N THR B 54 17.20 2.05 19.04
CA THR B 54 16.58 0.74 19.24
C THR B 54 15.90 0.71 20.62
N VAL B 55 15.54 -0.48 21.09
CA VAL B 55 14.82 -0.62 22.34
C VAL B 55 15.70 -1.07 23.49
N TYR B 56 15.50 -0.46 24.65
CA TYR B 56 16.22 -0.84 25.85
C TYR B 56 16.08 -2.32 26.20
N HIS B 57 14.89 -2.90 26.01
CA HIS B 57 14.72 -4.30 26.42
C HIS B 57 15.57 -5.21 25.54
N GLY B 58 16.11 -4.64 24.47
CA GLY B 58 17.06 -5.37 23.64
C GLY B 58 18.52 -5.06 23.92
N ALA B 59 18.86 -3.77 23.85
CA ALA B 59 20.22 -3.27 24.05
C ALA B 59 20.62 -3.17 25.52
N GLY B 60 19.65 -3.03 26.40
CA GLY B 60 19.96 -2.66 27.78
C GLY B 60 20.82 -1.40 27.83
N SER B 61 21.82 -1.40 28.71
CA SER B 61 22.78 -0.30 28.83
C SER B 61 24.05 -0.54 28.01
N LYS B 62 24.08 -1.61 27.23
CA LYS B 62 25.33 -2.00 26.56
C LYS B 62 25.86 -0.95 25.58
N THR B 63 27.16 -1.02 25.35
CA THR B 63 27.80 -0.29 24.28
C THR B 63 27.44 -0.94 22.95
N LEU B 64 27.67 -0.23 21.85
CA LEU B 64 27.54 -0.79 20.50
C LEU B 64 28.95 -0.99 19.91
N ALA B 65 29.24 -2.18 19.37
CA ALA B 65 30.58 -2.46 18.83
C ALA B 65 30.84 -1.54 17.64
N GLY B 66 32.03 -0.95 17.64
CA GLY B 66 32.31 0.12 16.70
C GLY B 66 33.74 0.10 16.21
N PRO B 67 34.02 0.90 15.17
CA PRO B 67 35.29 0.93 14.45
C PRO B 67 36.44 1.48 15.31
N LYS B 68 36.15 2.45 16.18
CA LYS B 68 37.13 2.94 17.16
C LYS B 68 36.93 2.33 18.56
N GLY B 69 36.31 1.16 18.63
CA GLY B 69 35.98 0.57 19.91
C GLY B 69 34.53 0.75 20.29
N PRO B 70 34.12 0.31 21.49
CA PRO B 70 32.74 0.37 22.00
C PRO B 70 32.15 1.78 21.98
N ILE B 71 30.94 1.91 21.46
CA ILE B 71 30.20 3.18 21.48
C ILE B 71 29.24 3.24 22.68
N THR B 72 29.41 4.26 23.50
CA THR B 72 28.55 4.51 24.68
C THR B 72 27.21 5.09 24.20
N GLN B 73 26.12 4.64 24.81
CA GLN B 73 24.80 5.24 24.49
C GLN B 73 24.87 6.72 24.81
N MET B 74 24.34 7.56 23.92
CA MET B 74 24.18 8.97 24.25
C MET B 74 22.76 9.30 24.65
N TYR B 75 21.88 8.31 24.60
CA TYR B 75 20.48 8.49 24.99
C TYR B 75 19.97 7.17 25.56
N THR B 76 19.37 7.23 26.75
CA THR B 76 18.99 6.04 27.50
C THR B 76 17.74 6.34 28.33
N ASN B 77 16.59 5.82 27.88
CA ASN B 77 15.30 6.09 28.53
C ASN B 77 14.56 4.80 28.77
N VAL B 78 14.69 4.27 29.98
CA VAL B 78 14.17 2.95 30.31
C VAL B 78 12.65 2.87 30.31
N ASP B 79 11.97 3.95 30.69
CA ASP B 79 10.52 3.93 30.80
C ASP B 79 9.90 3.86 29.42
N GLN B 80 10.48 4.60 28.48
CA GLN B 80 10.05 4.53 27.09
C GLN B 80 10.67 3.36 26.32
N ASP B 81 11.60 2.64 26.95
CA ASP B 81 12.25 1.49 26.30
C ASP B 81 13.05 1.98 25.07
N LEU B 82 13.67 3.15 25.17
CA LEU B 82 14.41 3.75 24.07
C LEU B 82 15.90 3.92 24.42
N VAL B 83 16.77 3.51 23.51
CA VAL B 83 18.16 3.91 23.57
C VAL B 83 18.68 4.33 22.20
N GLY B 84 19.63 5.26 22.20
CA GLY B 84 20.32 5.64 20.98
C GLY B 84 21.83 5.76 21.19
N TRP B 85 22.60 5.34 20.19
CA TRP B 85 24.03 5.65 20.10
C TRP B 85 24.29 6.59 18.94
N PRO B 86 25.34 7.40 19.02
CA PRO B 86 25.72 8.12 17.79
C PRO B 86 26.00 7.13 16.66
N ALA B 87 25.29 7.29 15.53
CA ALA B 87 25.33 6.32 14.44
C ALA B 87 26.70 6.27 13.79
N PRO B 88 27.23 5.06 13.59
CA PRO B 88 28.57 4.87 13.02
C PRO B 88 28.67 5.39 11.58
N PRO B 89 29.90 5.48 11.06
CA PRO B 89 30.11 5.86 9.66
C PRO B 89 29.53 4.82 8.69
N GLY B 90 28.63 5.27 7.81
CA GLY B 90 28.11 4.38 6.78
C GLY B 90 26.63 4.10 6.90
N ALA B 91 26.06 4.37 8.07
CA ALA B 91 24.64 4.19 8.30
C ALA B 91 23.85 5.23 7.50
N ARG B 92 22.93 4.78 6.67
CA ARG B 92 22.02 5.68 5.97
C ARG B 92 21.00 6.28 6.96
N SER B 93 21.06 7.60 7.13
CA SER B 93 20.24 8.28 8.12
C SER B 93 18.88 8.65 7.53
N MET B 94 17.82 8.32 8.26
CA MET B 94 16.47 8.49 7.75
C MET B 94 15.87 9.78 8.29
N THR B 95 14.86 10.27 7.59
CA THR B 95 14.24 11.55 7.88
C THR B 95 12.88 11.33 8.53
N PRO B 96 12.62 12.03 9.65
CA PRO B 96 11.33 11.92 10.37
C PRO B 96 10.15 12.35 9.52
N CYS B 97 9.06 11.60 9.64
CA CYS B 97 7.84 11.94 8.94
C CYS B 97 7.03 12.97 9.75
N THR B 98 6.61 14.03 9.05
CA THR B 98 5.77 15.09 9.64
C THR B 98 4.40 15.22 8.97
N CYS B 99 4.26 14.65 7.78
CA CYS B 99 3.08 14.86 6.93
C CYS B 99 1.76 14.34 7.52
N GLY B 100 1.85 13.55 8.59
CA GLY B 100 0.64 13.17 9.30
C GLY B 100 -0.13 12.05 8.63
N SER B 101 0.54 11.30 7.78
CA SER B 101 -0.07 10.14 7.15
C SER B 101 -0.35 9.06 8.20
N SER B 102 -1.49 8.41 8.06
CA SER B 102 -1.83 7.30 8.93
C SER B 102 -1.72 5.98 8.16
N ASP B 103 -1.23 6.04 6.93
CA ASP B 103 -0.91 4.84 6.16
C ASP B 103 0.57 4.50 6.32
N LEU B 104 0.86 3.49 7.13
CA LEU B 104 2.24 3.23 7.54
C LEU B 104 2.73 1.87 7.04
N TYR B 105 4.03 1.67 7.14
CA TYR B 105 4.66 0.40 6.83
C TYR B 105 5.59 0.07 7.98
N LEU B 106 5.57 -1.19 8.40
CA LEU B 106 6.53 -1.68 9.36
C LEU B 106 7.56 -2.50 8.64
N VAL B 107 8.82 -2.15 8.78
CA VAL B 107 9.89 -2.98 8.24
C VAL B 107 10.40 -3.98 9.30
N THR B 108 10.30 -5.27 9.00
CA THR B 108 10.68 -6.35 9.92
C THR B 108 12.10 -6.86 9.63
N ARG B 109 12.66 -7.63 10.56
CA ARG B 109 14.04 -8.15 10.39
C ARG B 109 14.15 -9.09 9.16
N HIS B 110 13.03 -9.59 8.66
CA HIS B 110 13.08 -10.46 7.49
C HIS B 110 13.07 -9.60 6.24
N ALA B 111 13.22 -8.28 6.42
CA ALA B 111 13.09 -7.31 5.34
C ALA B 111 11.75 -7.42 4.60
N ASP B 112 10.67 -7.76 5.30
CA ASP B 112 9.32 -7.56 4.78
C ASP B 112 8.81 -6.16 5.12
N VAL B 113 7.91 -5.66 4.28
CA VAL B 113 7.36 -4.34 4.47
C VAL B 113 5.85 -4.43 4.63
N ILE B 114 5.37 -4.45 5.86
CA ILE B 114 3.97 -4.78 6.08
C ILE B 114 3.12 -3.58 6.47
N PRO B 115 1.94 -3.48 5.83
CA PRO B 115 0.98 -2.36 6.01
C PRO B 115 0.46 -2.27 7.43
N VAL B 116 0.58 -1.08 8.01
CA VAL B 116 0.02 -0.76 9.32
C VAL B 116 -0.82 0.49 9.18
N ARG B 117 -2.00 0.47 9.79
CA ARG B 117 -2.81 1.70 9.90
C ARG B 117 -2.59 2.32 11.27
N ARG B 118 -2.18 3.59 11.30
CA ARG B 118 -1.95 4.28 12.57
C ARG B 118 -3.28 4.61 13.27
N ARG B 119 -3.38 4.27 14.55
CA ARG B 119 -4.63 4.43 15.31
C ARG B 119 -4.44 5.41 16.49
N GLY B 120 -3.19 5.77 16.75
CA GLY B 120 -2.91 6.75 17.80
C GLY B 120 -1.46 7.21 17.71
N ASP B 121 -1.02 7.98 18.69
CA ASP B 121 0.35 8.47 18.69
C ASP B 121 1.36 7.34 18.69
N SER B 122 1.09 6.28 19.45
CA SER B 122 2.08 5.23 19.64
C SER B 122 1.54 3.84 19.29
N ARG B 123 0.44 3.81 18.54
CA ARG B 123 -0.25 2.57 18.20
C ARG B 123 -0.71 2.49 16.74
N GLY B 124 -0.75 1.29 16.18
CA GLY B 124 -1.20 1.12 14.81
C GLY B 124 -1.68 -0.32 14.67
N SER B 125 -2.74 -0.53 13.89
CA SER B 125 -3.26 -1.89 13.69
C SER B 125 -2.60 -2.54 12.48
N LEU B 126 -2.36 -3.84 12.55
CA LEU B 126 -1.90 -4.60 11.39
C LEU B 126 -3.08 -4.93 10.48
N LEU B 127 -2.96 -4.62 9.19
CA LEU B 127 -4.07 -4.84 8.26
C LEU B 127 -4.38 -6.32 8.05
N SER B 128 -3.34 -7.14 8.04
CA SER B 128 -3.48 -8.59 8.21
C SER B 128 -2.65 -9.00 9.42
N PRO B 129 -3.28 -9.66 10.40
CA PRO B 129 -2.56 -10.11 11.60
C PRO B 129 -1.42 -11.04 11.24
N ARG B 130 -0.37 -11.03 12.06
CA ARG B 130 0.74 -11.96 11.89
C ARG B 130 0.97 -12.74 13.19
N PRO B 131 1.56 -13.94 13.08
CA PRO B 131 2.02 -14.63 14.30
C PRO B 131 3.01 -13.74 15.04
N VAL B 132 2.98 -13.79 16.37
CA VAL B 132 3.94 -13.06 17.21
C VAL B 132 5.39 -13.46 16.92
N SER B 133 5.61 -14.74 16.66
CA SER B 133 6.97 -15.24 16.41
C SER B 133 7.56 -14.66 15.12
N TYR B 134 6.70 -14.36 14.17
CA TYR B 134 7.14 -13.68 12.98
C TYR B 134 7.65 -12.25 13.28
N LEU B 135 7.02 -11.58 14.25
CA LEU B 135 7.40 -10.21 14.63
C LEU B 135 8.61 -10.20 15.60
N LYS B 136 8.78 -11.29 16.34
CA LYS B 136 9.81 -11.38 17.37
C LYS B 136 11.19 -11.15 16.76
N GLY B 137 12.00 -10.33 17.42
CA GLY B 137 13.28 -9.95 16.87
C GLY B 137 13.23 -8.70 16.00
N SER B 138 12.04 -8.12 15.81
CA SER B 138 11.90 -6.95 14.95
C SER B 138 11.72 -5.61 15.71
N SER B 139 11.70 -5.63 17.03
CA SER B 139 11.67 -4.39 17.76
C SER B 139 12.85 -3.50 17.36
N GLY B 140 12.63 -2.18 17.37
CA GLY B 140 13.63 -1.26 16.88
C GLY B 140 13.45 -0.97 15.39
N GLY B 141 12.67 -1.81 14.73
CA GLY B 141 12.37 -1.64 13.32
C GLY B 141 11.51 -0.41 13.08
N PRO B 142 11.69 0.26 11.95
CA PRO B 142 11.02 1.50 11.59
C PRO B 142 9.58 1.31 11.16
N LEU B 143 8.71 2.22 11.58
CA LEU B 143 7.44 2.44 10.92
C LEU B 143 7.58 3.64 9.98
N LEU B 144 7.19 3.44 8.72
CA LEU B 144 7.37 4.44 7.68
C LEU B 144 6.06 5.04 7.21
N CYS B 145 6.09 6.32 6.86
CA CYS B 145 5.06 6.94 6.02
C CYS B 145 5.27 6.48 4.57
N PRO B 146 4.25 6.66 3.71
CA PRO B 146 4.39 6.20 2.31
C PRO B 146 5.61 6.77 1.59
N SER B 147 6.11 7.90 2.09
CA SER B 147 7.24 8.60 1.50
C SER B 147 8.55 7.93 1.90
N GLY B 148 8.48 7.08 2.92
CA GLY B 148 9.66 6.44 3.43
C GLY B 148 10.33 7.21 4.56
N HIS B 149 9.64 8.21 5.11
CA HIS B 149 10.10 8.89 6.30
C HIS B 149 9.61 8.16 7.53
N VAL B 150 10.29 8.35 8.66
CA VAL B 150 10.03 7.54 9.86
C VAL B 150 9.09 8.21 10.84
N VAL B 151 8.07 7.49 11.29
CA VAL B 151 7.15 8.01 12.32
C VAL B 151 7.51 7.44 13.68
N GLY B 152 8.27 6.34 13.67
CA GLY B 152 8.65 5.69 14.91
C GLY B 152 9.39 4.37 14.79
N ILE B 153 9.70 3.74 15.92
CA ILE B 153 10.28 2.40 15.86
C ILE B 153 9.47 1.41 16.68
N PHE B 154 9.40 0.19 16.19
CA PHE B 154 8.54 -0.86 16.71
C PHE B 154 8.99 -1.28 18.13
N ARG B 155 8.04 -1.29 19.08
CA ARG B 155 8.38 -1.60 20.48
C ARG B 155 7.74 -2.89 21.02
N ALA B 156 6.47 -3.11 20.75
CA ALA B 156 5.76 -4.24 21.33
C ALA B 156 4.56 -4.62 20.45
N ALA B 157 4.10 -5.85 20.61
CA ALA B 157 3.00 -6.39 19.82
C ALA B 157 1.75 -6.54 20.68
N VAL B 158 0.60 -6.18 20.13
CA VAL B 158 -0.66 -6.47 20.80
C VAL B 158 -1.11 -7.82 20.27
N CYS B 159 -1.08 -8.83 21.12
CA CYS B 159 -1.40 -10.16 20.66
C CYS B 159 -2.38 -10.91 21.56
N THR B 160 -3.08 -11.85 20.95
CA THR B 160 -3.88 -12.82 21.70
C THR B 160 -3.61 -14.19 21.13
N ARG B 161 -3.32 -15.14 22.01
CA ARG B 161 -3.13 -16.52 21.59
C ARG B 161 -2.10 -16.57 20.48
N GLY B 162 -1.03 -15.80 20.65
CA GLY B 162 0.14 -15.93 19.80
C GLY B 162 -0.05 -15.27 18.43
N VAL B 163 -1.15 -14.53 18.28
CA VAL B 163 -1.41 -13.75 17.07
C VAL B 163 -1.46 -12.24 17.39
N ALA B 164 -0.67 -11.45 16.66
CA ALA B 164 -0.64 -10.00 16.87
C ALA B 164 -1.58 -9.29 15.88
N LYS B 165 -2.40 -8.39 16.40
CA LYS B 165 -3.38 -7.69 15.55
C LYS B 165 -2.98 -6.21 15.41
N ALA B 166 -2.01 -5.80 16.22
CA ALA B 166 -1.63 -4.39 16.32
C ALA B 166 -0.18 -4.30 16.83
N VAL B 167 0.43 -3.13 16.61
CA VAL B 167 1.80 -2.85 17.07
C VAL B 167 1.90 -1.56 17.89
N ASP B 168 2.66 -1.62 18.97
CA ASP B 168 2.95 -0.44 19.78
C ASP B 168 4.36 0.03 19.42
N PHE B 169 4.52 1.34 19.20
CA PHE B 169 5.81 1.85 18.75
C PHE B 169 6.11 3.16 19.46
N ILE B 170 7.36 3.61 19.31
CA ILE B 170 7.84 4.82 19.93
C ILE B 170 7.83 5.90 18.87
N PRO B 171 7.02 6.94 19.08
CA PRO B 171 6.90 8.04 18.11
C PRO B 171 8.22 8.79 17.99
N VAL B 172 8.55 9.24 16.78
CA VAL B 172 9.72 10.08 16.62
C VAL B 172 9.62 11.36 17.45
N GLU B 173 8.50 11.58 18.11
CA GLU B 173 8.36 12.67 19.08
C GLU B 173 9.09 12.35 20.38
N SER B 174 8.90 11.13 20.88
CA SER B 174 9.53 10.69 22.12
C SER B 174 11.05 10.66 21.99
N MET B 175 11.54 10.51 20.77
CA MET B 175 12.97 10.58 20.53
C MET B 175 13.42 12.02 20.71
N GLU B 176 12.64 12.94 20.14
CA GLU B 176 12.90 14.36 20.29
C GLU B 176 12.75 14.79 21.75
N THR B 177 11.85 14.13 22.47
CA THR B 177 11.65 14.36 23.90
C THR B 177 12.85 13.91 24.74
N THR B 178 13.40 12.74 24.42
CA THR B 178 14.59 12.22 25.11
C THR B 178 15.82 13.10 24.86
N MET B 179 15.92 13.63 23.64
CA MET B 179 17.13 14.35 23.25
C MET B 179 17.26 15.69 23.93
N ARG B 180 16.22 16.51 23.83
CA ARG B 180 16.22 17.84 24.42
C ARG B 180 15.92 17.78 25.92
N ALA B 181 16.54 16.82 26.60
CA ALA B 181 16.36 16.64 28.03
C ALA B 181 17.63 16.10 28.68
N SER B 182 18.56 15.63 27.84
CA SER B 182 19.86 15.17 28.34
C SER B 182 20.97 16.20 28.04
N LYS C 2 -32.15 8.55 -24.40
CA LYS C 2 -32.48 7.78 -25.65
C LYS C 2 -31.24 7.21 -26.32
N GLY C 3 -30.14 7.96 -26.31
CA GLY C 3 -28.90 7.48 -26.89
C GLY C 3 -28.35 6.33 -26.07
N SER C 4 -27.80 5.33 -26.74
CA SER C 4 -27.13 4.24 -26.05
C SER C 4 -25.70 4.63 -25.71
N VAL C 5 -25.11 3.91 -24.76
CA VAL C 5 -23.73 4.17 -24.35
C VAL C 5 -22.81 3.46 -25.35
N VAL C 6 -21.65 4.04 -25.60
CA VAL C 6 -20.79 3.55 -26.69
C VAL C 6 -19.35 3.26 -26.23
N ILE C 7 -18.83 2.13 -26.66
CA ILE C 7 -17.42 1.78 -26.42
C ILE C 7 -16.50 2.51 -27.42
N VAL C 8 -15.67 3.42 -26.89
CA VAL C 8 -14.79 4.24 -27.70
C VAL C 8 -13.30 3.86 -27.51
N GLY C 9 -13.05 2.83 -26.72
CA GLY C 9 -11.70 2.42 -26.41
C GLY C 9 -11.67 1.34 -25.35
N ARG C 10 -10.47 0.81 -25.06
CA ARG C 10 -10.32 -0.24 -24.06
C ARG C 10 -8.94 -0.19 -23.45
N ILE C 11 -8.79 -0.87 -22.32
CA ILE C 11 -7.54 -0.90 -21.59
C ILE C 11 -7.15 -2.36 -21.37
N ILE C 12 -5.91 -2.70 -21.75
CA ILE C 12 -5.41 -4.06 -21.66
C ILE C 12 -4.53 -4.19 -20.43
N LEU C 13 -4.75 -5.26 -19.66
CA LEU C 13 -4.05 -5.44 -18.38
C LEU C 13 -3.00 -6.55 -18.41
N SER C 14 -1.86 -6.27 -17.79
CA SER C 14 -0.84 -7.31 -17.57
C SER C 14 -0.15 -7.14 -16.22
N LYS D 2 26.52 -9.88 27.58
CA LYS D 2 27.26 -9.19 28.69
C LYS D 2 28.31 -8.22 28.20
N GLY D 3 28.57 -8.25 26.90
CA GLY D 3 29.47 -7.27 26.30
C GLY D 3 28.77 -6.26 25.43
N SER D 4 29.41 -5.95 24.30
CA SER D 4 28.86 -5.04 23.30
C SER D 4 27.71 -5.61 22.49
N VAL D 5 26.76 -4.76 22.14
CA VAL D 5 25.80 -5.06 21.09
C VAL D 5 26.55 -5.09 19.76
N VAL D 6 26.23 -6.06 18.91
CA VAL D 6 26.92 -6.22 17.65
C VAL D 6 25.97 -6.17 16.41
N ILE D 7 26.36 -5.40 15.42
CA ILE D 7 25.70 -5.41 14.11
C ILE D 7 26.08 -6.68 13.34
N VAL D 8 25.10 -7.53 13.08
CA VAL D 8 25.34 -8.75 12.33
C VAL D 8 24.68 -8.71 10.93
N GLY D 9 24.23 -7.52 10.53
CA GLY D 9 23.59 -7.37 9.23
C GLY D 9 22.80 -6.08 9.09
N ARG D 10 22.37 -5.77 7.87
CA ARG D 10 21.65 -4.54 7.62
C ARG D 10 20.50 -4.75 6.65
N ILE D 11 19.56 -3.80 6.67
CA ILE D 11 18.45 -3.82 5.77
C ILE D 11 18.52 -2.55 4.93
N ILE D 12 18.41 -2.72 3.61
CA ILE D 12 18.48 -1.62 2.66
C ILE D 12 17.06 -1.30 2.18
N LEU D 13 16.70 -0.04 2.19
CA LEU D 13 15.35 0.34 1.79
C LEU D 13 15.33 0.97 0.40
N SER D 14 14.27 0.66 -0.34
CA SER D 14 13.99 1.30 -1.63
C SER D 14 12.52 1.77 -1.69
NA NA E . 0.08 2.26 -18.66
C25 L5T F . -18.19 12.90 -3.48
O26 L5T F . -19.40 12.96 -3.71
O27 L5T F . -17.64 12.49 -2.30
C28 L5T F . -17.62 11.08 -2.10
C29 L5T F . -18.85 10.51 -1.46
C30 L5T F . -18.39 9.14 -0.99
C31 L5T F . -16.89 9.27 -0.79
C32 L5T F . -16.58 10.74 -1.05
N24 L5T F . -17.22 13.22 -4.37
C19 L5T F . -17.54 13.70 -5.70
C20 L5T F . -16.67 14.93 -6.20
C21 L5T F . -17.30 15.53 -7.48
C22 L5T F . -15.18 14.58 -6.49
C23 L5T F . -16.69 16.04 -5.12
C17 L5T F . -17.56 12.47 -6.67
O18 L5T F . -16.54 11.78 -6.87
C10 L5T F . -17.84 11.14 -9.47
O11 L5T F . -17.69 12.21 -10.05
C12 L5T F . -18.80 10.98 -8.26
C13 L5T F . -20.26 10.97 -8.77
C14 L5T F . -21.05 11.63 -7.64
C15 L5T F . -20.09 12.75 -7.23
N16 L5T F . -18.76 12.13 -7.34
O33 L5T F . -21.13 10.68 -6.51
C34 L5T F . -22.21 9.76 -6.41
C35 L5T F . -23.33 9.86 -7.38
C36 L5T F . -24.39 8.98 -7.29
N37 L5T F . -24.38 8.02 -6.26
C38 L5T F . -23.38 7.85 -5.30
C39 L5T F . -22.23 8.81 -5.40
C40 L5T F . -21.10 8.69 -4.38
C41 L5T F . -21.27 7.60 -3.35
C42 L5T F . -22.35 6.76 -3.31
C43 L5T F . -23.42 6.92 -4.31
O45 L5T F . -22.60 5.72 -2.37
C46 L5T F . -21.65 5.45 -1.32
C47 L5T F . -25.49 9.03 -8.20
C48 L5T F . -26.55 8.13 -8.22
S49 L5T F . -27.65 8.59 -9.43
C50 L5T F . -26.65 9.91 -9.86
N51 L5T F . -25.56 10.05 -9.14
N52 L5T F . -26.93 10.82 -10.87
C53 L5T F . -28.18 11.01 -11.44
O54 L5T F . -29.18 10.35 -11.12
C55 L5T F . -28.18 12.11 -12.54
C56 L5T F . -29.18 13.23 -12.22
C57 L5T F . -28.45 11.52 -13.93
N9 L5T F . -17.14 9.97 -9.76
C4 L5T F . -15.87 9.98 -10.48
C6 L5T F . -14.63 10.45 -9.68
C5 L5T F . -14.78 8.99 -10.01
C7 L5T F . -13.52 11.21 -10.25
C8 L5T F . -13.26 12.50 -9.96
C2 L5T F . -16.00 10.11 -12.02
O1 L5T F . -17.18 10.22 -12.51
O3 L5T F . -14.97 10.10 -12.75
NA NA G . 11.81 -7.95 1.28
C25 L5T H . 3.19 -6.24 25.26
O26 L5T H . 3.86 -5.99 26.26
O27 L5T H . 2.07 -5.56 24.86
C28 L5T H . 1.73 -4.37 25.61
C29 L5T H . 0.22 -4.15 25.73
C30 L5T H . -0.16 -3.57 24.37
C31 L5T H . 1.09 -2.90 23.82
C32 L5T H . 2.16 -3.10 24.87
N24 L5T H . 3.49 -7.25 24.38
C19 L5T H . 4.66 -8.10 24.58
C20 L5T H . 4.47 -9.64 24.23
C21 L5T H . 5.79 -10.41 24.47
C22 L5T H . 4.02 -9.90 22.77
C23 L5T H . 3.40 -10.25 25.18
C17 L5T H . 5.86 -7.39 23.85
O18 L5T H . 5.80 -7.15 22.64
C10 L5T H . 8.76 -7.25 22.75
O11 L5T H . 8.91 -8.47 22.84
C12 L5T H . 8.16 -6.38 23.90
C13 L5T H . 9.19 -6.22 25.02
C14 L5T H . 8.32 -6.09 26.29
C15 L5T H . 7.30 -7.20 26.01
N16 L5T H . 7.01 -7.04 24.57
O33 L5T H . 7.59 -4.79 26.24
C34 L5T H . 8.10 -3.65 26.89
C35 L5T H . 9.37 -3.76 27.64
C36 L5T H . 9.88 -2.66 28.29
N37 L5T H . 9.16 -1.46 28.23
C38 L5T H . 7.97 -1.24 27.56
C39 L5T H . 7.39 -2.44 26.84
C40 L5T H . 6.08 -2.27 26.08
C41 L5T H . 5.49 -0.87 26.15
C42 L5T H . 6.06 0.18 26.83
C43 L5T H . 7.33 -0.05 27.55
O45 L5T H . 5.59 1.51 26.96
C46 L5T H . 4.35 1.91 26.33
C47 L5T H . 11.11 -2.72 29.03
C48 L5T H . 11.68 -1.66 29.70
S49 L5T H . 13.12 -2.17 30.43
C50 L5T H . 12.89 -3.74 29.81
N51 L5T H . 11.81 -3.91 29.11
N52 L5T H . 13.77 -4.80 30.03
C53 L5T H . 14.74 -4.87 31.01
O54 L5T H . 14.93 -3.95 31.81
C55 L5T H . 15.54 -6.19 31.00
C56 L5T H . 15.32 -7.01 32.27
C57 L5T H . 17.03 -5.93 30.78
N9 L5T H . 9.04 -6.52 21.61
C4 L5T H . 9.12 -7.15 20.30
C6 L5T H . 7.79 -7.57 19.66
C5 L5T H . 8.55 -6.40 19.10
C7 L5T H . 7.62 -8.80 18.87
C8 L5T H . 6.86 -9.85 19.23
C2 L5T H . 10.47 -7.92 20.06
O1 L5T H . 11.39 -7.75 20.93
O3 L5T H . 10.61 -8.66 19.05
#